data_3DX5
#
_entry.id   3DX5
#
_cell.length_a   134.483
_cell.length_b   134.483
_cell.length_c   72.806
_cell.angle_alpha   90.00
_cell.angle_beta   90.00
_cell.angle_gamma   120.00
#
_symmetry.space_group_name_H-M   'P 65 2 2'
#
loop_
_entity.id
_entity.type
_entity.pdbx_description
1 polymer 'uncharacterized protein AsbF'
2 non-polymer 'MANGANESE (II) ION'
3 non-polymer 'CHLORIDE ION'
4 non-polymer '3,4-DIHYDROXYBENZOIC ACID'
5 non-polymer 2-AMINO-2-HYDROXYMETHYL-PROPANE-1,3-DIOL
6 non-polymer GLYCEROL
7 water water
#
_entity_poly.entity_id   1
_entity_poly.type   'polypeptide(L)'
_entity_poly.pdbx_seq_one_letter_code
;(MSE)KYSLCTISFRHQLISFTDIVQFAYENGFEGIELWGTHAQNLY(MSE)QEYETTERELNCLKDKTLEIT(MSE)IS
DYLDISLSADFEKTIEKCEQLAILANWFKTNKIRTFAGQKGSADFSQQERQEYVNRIR(MSE)ICELFAQHN(MSE)YVL
LETHPNTLTDTLPSTLELLGEVDHPNLKINLDFLHIWESGADPVDSFQQLRPWIQHYHFKNISSADYLHVFEPNNVYAAA
GNRTG(MSE)VPLFEGIVNYDEIIQEVRDTDHFASLEWFGHNAKDILKAE(MSE)KVLTNRNLEVVTSENLYFQ
;
_entity_poly.pdbx_strand_id   A
#
# COMPACT_ATOMS: atom_id res chain seq x y z
N LYS A 2 4.99 5.69 -13.46
CA LYS A 2 4.75 6.72 -12.44
C LYS A 2 5.15 6.22 -11.07
N TYR A 3 5.97 7.02 -10.40
CA TYR A 3 6.48 6.66 -9.08
C TYR A 3 5.80 7.51 -8.03
N SER A 4 5.56 6.89 -6.89
CA SER A 4 5.07 7.61 -5.76
C SER A 4 5.95 7.42 -4.53
N LEU A 5 5.84 8.39 -3.63
CA LEU A 5 6.53 8.38 -2.38
C LEU A 5 5.49 7.98 -1.30
N CYS A 6 5.85 7.18 -0.30
CA CYS A 6 4.94 6.86 0.82
C CYS A 6 5.30 7.70 2.01
N THR A 7 4.32 8.37 2.60
CA THR A 7 4.58 9.12 3.84
C THR A 7 4.94 8.21 5.04
N ILE A 8 4.58 6.91 4.99
CA ILE A 8 5.06 5.97 6.01
C ILE A 8 6.61 5.91 6.10
N SER A 9 7.32 6.24 5.01
CA SER A 9 8.80 6.28 5.04
C SER A 9 9.31 7.30 6.04
N PHE A 10 8.45 8.25 6.40
CA PHE A 10 8.85 9.39 7.29
C PHE A 10 8.25 9.24 8.70
N ARG A 11 7.79 8.03 9.05
CA ARG A 11 7.05 7.80 10.32
C ARG A 11 7.91 8.05 11.58
N HIS A 12 9.24 8.03 11.41
CA HIS A 12 10.18 8.26 12.51
C HIS A 12 10.98 9.58 12.44
N GLN A 13 10.41 10.57 11.79
CA GLN A 13 11.04 11.88 11.80
C GLN A 13 9.99 12.98 11.83
N LEU A 14 10.38 14.16 12.34
CA LEU A 14 9.50 15.31 12.38
C LEU A 14 9.61 15.98 11.03
N ILE A 15 8.53 15.99 10.25
CA ILE A 15 8.53 16.68 8.98
C ILE A 15 7.06 17.08 8.64
N SER A 16 6.88 18.22 8.00
CA SER A 16 5.54 18.68 7.65
C SER A 16 5.07 18.12 6.32
N PHE A 17 3.77 18.09 6.12
CA PHE A 17 3.22 17.68 4.82
C PHE A 17 3.77 18.58 3.68
N THR A 18 3.87 19.90 3.96
CA THR A 18 4.38 20.86 2.99
C THR A 18 5.77 20.44 2.52
N ASP A 19 6.66 20.04 3.45
CA ASP A 19 7.99 19.61 3.08
C ASP A 19 8.03 18.25 2.35
N ILE A 20 7.15 17.34 2.72
CA ILE A 20 7.02 16.11 1.91
C ILE A 20 6.58 16.39 0.45
N VAL A 21 5.59 17.26 0.28
CA VAL A 21 5.11 17.57 -1.05
C VAL A 21 6.25 18.19 -1.84
N GLN A 22 6.98 19.13 -1.23
CA GLN A 22 8.10 19.82 -1.93
C GLN A 22 9.19 18.80 -2.29
N PHE A 23 9.55 17.92 -1.36
CA PHE A 23 10.51 16.87 -1.67
C PHE A 23 10.03 15.96 -2.83
N ALA A 24 8.76 15.57 -2.80
CA ALA A 24 8.23 14.73 -3.87
C ALA A 24 8.37 15.44 -5.21
N TYR A 25 8.05 16.73 -5.22
CA TYR A 25 8.00 17.50 -6.44
C TYR A 25 9.41 17.67 -7.03
N GLU A 26 10.36 18.04 -6.20
CA GLU A 26 11.68 18.32 -6.74
C GLU A 26 12.42 17.05 -7.19
N ASN A 27 11.98 15.88 -6.72
CA ASN A 27 12.58 14.62 -7.13
C ASN A 27 11.84 13.86 -8.23
N GLY A 28 10.81 14.45 -8.84
CA GLY A 28 10.18 13.81 -10.01
C GLY A 28 9.14 12.73 -9.67
N PHE A 29 8.76 12.58 -8.41
CA PHE A 29 7.61 11.73 -8.10
C PHE A 29 6.35 12.34 -8.70
N GLU A 30 5.40 11.51 -9.08
CA GLU A 30 4.13 12.04 -9.55
C GLU A 30 2.98 11.73 -8.63
N GLY A 31 3.28 11.08 -7.52
CA GLY A 31 2.23 10.75 -6.59
C GLY A 31 2.76 10.65 -5.16
N ILE A 32 1.82 10.78 -4.22
CA ILE A 32 2.11 10.53 -2.80
C ILE A 32 1.09 9.51 -2.30
N GLU A 33 1.59 8.44 -1.67
CA GLU A 33 0.73 7.45 -1.05
C GLU A 33 0.73 7.85 0.42
N LEU A 34 -0.45 8.27 0.88
CA LEU A 34 -0.57 8.91 2.17
C LEU A 34 -0.99 7.87 3.20
N TRP A 35 -0.18 7.71 4.24
CA TRP A 35 -0.52 6.81 5.35
C TRP A 35 -1.82 7.32 6.03
N GLY A 36 -2.74 6.42 6.37
CA GLY A 36 -4.05 6.78 6.87
C GLY A 36 -3.99 7.65 8.11
N THR A 37 -3.07 7.35 9.04
CA THR A 37 -2.99 8.17 10.26
C THR A 37 -2.51 9.60 9.96
N HIS A 38 -1.62 9.75 8.96
CA HIS A 38 -1.20 11.06 8.49
C HIS A 38 -2.36 11.84 7.87
N ALA A 39 -3.12 11.20 6.97
CA ALA A 39 -4.34 11.77 6.38
C ALA A 39 -5.31 12.29 7.47
N GLN A 40 -5.60 11.44 8.44
CA GLN A 40 -6.55 11.75 9.50
C GLN A 40 -6.07 12.92 10.33
N ASN A 41 -4.80 12.90 10.71
CA ASN A 41 -4.32 14.01 11.53
C ASN A 41 -4.20 15.32 10.79
N LEU A 42 -3.92 15.28 9.48
CA LEU A 42 -3.94 16.52 8.69
C LEU A 42 -5.34 17.11 8.68
N TYR A 43 -6.34 16.25 8.46
CA TYR A 43 -7.72 16.68 8.48
C TYR A 43 -8.14 17.30 9.81
N GLN A 45 -6.13 18.65 12.37
N GLN A 45 -6.17 18.41 12.26
CA GLN A 45 -5.32 19.74 12.96
CA GLN A 45 -5.26 19.36 12.90
C GLN A 45 -4.54 20.62 11.97
C GLN A 45 -4.64 20.43 12.01
N GLU A 46 -4.56 20.24 10.71
N GLU A 46 -4.59 20.17 10.71
CA GLU A 46 -3.81 21.02 9.72
CA GLU A 46 -3.86 21.08 9.85
C GLU A 46 -4.67 21.28 8.52
C GLU A 46 -4.66 21.28 8.58
N TYR A 47 -5.97 21.46 8.74
CA TYR A 47 -6.89 21.46 7.61
C TYR A 47 -6.60 22.61 6.60
N GLU A 48 -6.46 23.85 7.09
N GLU A 48 -6.57 23.85 7.08
CA GLU A 48 -6.13 24.97 6.20
CA GLU A 48 -6.52 25.03 6.19
C GLU A 48 -4.76 24.85 5.52
C GLU A 48 -5.26 25.03 5.35
N THR A 49 -3.68 24.55 6.24
N THR A 49 -4.15 24.63 5.96
CA THR A 49 -2.39 24.42 5.57
CA THR A 49 -2.84 24.59 5.28
C THR A 49 -2.45 23.31 4.51
C THR A 49 -2.67 23.38 4.38
N THR A 50 -3.14 22.21 4.83
CA THR A 50 -3.24 21.07 3.91
C THR A 50 -4.09 21.41 2.66
N GLU A 51 -5.22 22.08 2.86
CA GLU A 51 -6.05 22.55 1.74
C GLU A 51 -5.29 23.43 0.76
N ARG A 52 -4.47 24.34 1.26
N ARG A 52 -4.45 24.33 1.26
CA ARG A 52 -3.66 25.18 0.38
CA ARG A 52 -3.65 25.18 0.37
C ARG A 52 -2.71 24.29 -0.44
C ARG A 52 -2.63 24.36 -0.41
N GLU A 53 -2.06 23.31 0.20
CA GLU A 53 -1.19 22.38 -0.53
C GLU A 53 -1.94 21.61 -1.58
N LEU A 54 -3.11 21.07 -1.21
CA LEU A 54 -3.88 20.23 -2.13
C LEU A 54 -4.26 21.04 -3.38
N ASN A 55 -4.55 22.32 -3.20
CA ASN A 55 -4.90 23.18 -4.35
C ASN A 55 -3.77 23.46 -5.37
N CYS A 56 -2.51 23.20 -5.01
CA CYS A 56 -1.42 23.30 -6.00
C CYS A 56 -0.84 21.99 -6.42
N LEU A 57 -1.36 20.85 -5.92
CA LEU A 57 -0.73 19.58 -6.26
C LEU A 57 -0.67 19.38 -7.74
N LYS A 58 -1.77 19.68 -8.40
CA LYS A 58 -1.90 19.43 -9.83
C LYS A 58 -0.83 20.20 -10.61
N ASP A 59 -0.54 21.44 -10.18
CA ASP A 59 0.49 22.30 -10.80
C ASP A 59 1.88 21.70 -10.71
N LYS A 60 2.08 20.79 -9.76
CA LYS A 60 3.36 20.16 -9.52
C LYS A 60 3.38 18.72 -10.11
N THR A 61 2.36 18.39 -10.91
CA THR A 61 2.14 17.05 -11.45
C THR A 61 2.18 16.01 -10.32
N LEU A 62 1.51 16.33 -9.21
CA LEU A 62 1.40 15.44 -8.07
C LEU A 62 -0.07 15.13 -7.81
N GLU A 63 -0.34 14.02 -7.13
CA GLU A 63 -1.67 13.66 -6.71
C GLU A 63 -1.49 12.72 -5.52
N ILE A 64 -2.56 12.49 -4.78
CA ILE A 64 -2.54 11.47 -3.73
C ILE A 64 -2.97 10.16 -4.41
N THR A 65 -2.12 9.15 -4.38
CA THR A 65 -2.38 7.93 -5.16
C THR A 65 -3.34 6.97 -4.45
N ILE A 67 -4.80 6.12 0.00
CA ILE A 67 -4.59 6.21 1.43
C ILE A 67 -4.39 4.80 1.97
N SER A 68 -3.32 4.59 2.73
N SER A 68 -3.28 4.58 2.67
CA SER A 68 -2.96 3.25 3.15
CA SER A 68 -2.95 3.24 3.16
C SER A 68 -3.18 3.04 4.64
C SER A 68 -3.29 3.14 4.64
N ASP A 69 -4.09 2.12 4.97
CA ASP A 69 -4.52 1.98 6.33
C ASP A 69 -4.66 0.51 6.68
N TYR A 70 -5.50 0.19 7.66
CA TYR A 70 -5.58 -1.14 8.27
C TYR A 70 -7.02 -1.25 8.72
N LEU A 71 -7.79 -2.16 8.13
CA LEU A 71 -9.17 -2.32 8.58
C LEU A 71 -9.30 -3.64 9.32
N ASP A 72 -9.78 -3.59 10.55
CA ASP A 72 -9.90 -4.77 11.34
C ASP A 72 -11.21 -5.50 11.01
N ILE A 73 -11.10 -6.59 10.28
CA ILE A 73 -12.30 -7.38 10.02
C ILE A 73 -12.19 -8.81 10.62
N SER A 74 -11.24 -9.01 11.53
CA SER A 74 -11.14 -10.24 12.32
C SER A 74 -12.41 -10.46 13.18
N LEU A 75 -12.59 -11.70 13.66
CA LEU A 75 -13.74 -12.05 14.53
C LEU A 75 -13.73 -11.30 15.87
N SER A 76 -12.56 -11.09 16.43
CA SER A 76 -12.39 -10.31 17.65
C SER A 76 -12.73 -8.80 17.49
N ALA A 77 -12.84 -8.32 16.24
CA ALA A 77 -13.04 -6.89 15.93
C ALA A 77 -14.43 -6.39 16.28
N ASP A 78 -14.51 -5.15 16.72
CA ASP A 78 -15.81 -4.47 16.75
C ASP A 78 -16.11 -3.98 15.33
N PHE A 79 -16.94 -4.74 14.63
CA PHE A 79 -17.15 -4.50 13.21
C PHE A 79 -17.86 -3.18 12.89
N GLU A 80 -18.79 -2.78 13.74
CA GLU A 80 -19.44 -1.46 13.62
C GLU A 80 -18.41 -0.32 13.72
N LYS A 81 -17.40 -0.49 14.57
CA LYS A 81 -16.30 0.45 14.67
C LYS A 81 -15.45 0.46 13.37
N THR A 82 -15.20 -0.72 12.79
CA THR A 82 -14.53 -0.81 11.49
C THR A 82 -15.29 -0.08 10.38
N ILE A 83 -16.60 -0.34 10.29
CA ILE A 83 -17.49 0.39 9.38
C ILE A 83 -17.42 1.93 9.56
N GLU A 84 -17.40 2.41 10.81
N GLU A 84 -17.41 2.39 10.81
CA GLU A 84 -17.28 3.85 11.10
CA GLU A 84 -17.28 3.84 11.10
C GLU A 84 -15.94 4.42 10.58
C GLU A 84 -15.95 4.40 10.54
N LYS A 85 -14.87 3.65 10.73
CA LYS A 85 -13.56 3.98 10.16
C LYS A 85 -13.60 4.03 8.62
N CYS A 86 -14.29 3.09 7.98
CA CYS A 86 -14.46 3.16 6.53
C CYS A 86 -15.17 4.44 6.11
N GLU A 87 -16.19 4.85 6.85
CA GLU A 87 -16.90 6.06 6.53
C GLU A 87 -16.00 7.28 6.68
N GLN A 88 -15.11 7.29 7.68
CA GLN A 88 -14.19 8.40 7.83
C GLN A 88 -13.10 8.40 6.70
N LEU A 89 -12.59 7.22 6.35
CA LEU A 89 -11.67 7.10 5.23
C LEU A 89 -12.25 7.58 3.90
N ALA A 90 -13.54 7.38 3.67
CA ALA A 90 -14.20 7.87 2.47
C ALA A 90 -14.24 9.40 2.49
N ILE A 91 -14.45 10.00 3.65
CA ILE A 91 -14.35 11.45 3.80
C ILE A 91 -12.93 11.97 3.43
N LEU A 92 -11.90 11.33 4.02
CA LEU A 92 -10.50 11.66 3.73
C LEU A 92 -10.17 11.47 2.25
N ALA A 93 -10.59 10.35 1.66
CA ALA A 93 -10.29 10.10 0.24
C ALA A 93 -10.93 11.16 -0.66
N ASN A 94 -12.14 11.59 -0.31
CA ASN A 94 -12.79 12.67 -1.00
C ASN A 94 -11.97 13.95 -0.91
N TRP A 95 -11.49 14.29 0.29
CA TRP A 95 -10.75 15.53 0.48
C TRP A 95 -9.42 15.48 -0.28
N PHE A 96 -8.72 14.35 -0.16
CA PHE A 96 -7.44 14.18 -0.83
C PHE A 96 -7.52 13.83 -2.31
N LYS A 97 -8.75 13.63 -2.80
CA LYS A 97 -9.01 13.25 -4.19
C LYS A 97 -8.36 11.94 -4.65
N THR A 98 -8.56 10.88 -3.87
CA THR A 98 -8.05 9.57 -4.27
C THR A 98 -9.25 8.62 -4.25
N ASN A 99 -9.23 7.60 -5.09
CA ASN A 99 -10.29 6.60 -5.08
C ASN A 99 -9.79 5.24 -4.58
N LYS A 100 -8.68 5.19 -3.84
CA LYS A 100 -8.16 3.89 -3.37
C LYS A 100 -7.78 3.89 -1.90
N ILE A 101 -8.12 2.78 -1.22
N ILE A 101 -8.13 2.80 -1.22
CA ILE A 101 -7.79 2.50 0.17
CA ILE A 101 -7.70 2.57 0.14
C ILE A 101 -7.07 1.14 0.27
C ILE A 101 -7.00 1.20 0.16
N ARG A 102 -5.88 1.15 0.85
CA ARG A 102 -5.12 -0.08 1.02
C ARG A 102 -5.46 -0.71 2.37
N THR A 103 -5.73 -2.00 2.37
CA THR A 103 -5.88 -2.73 3.63
C THR A 103 -5.25 -4.10 3.51
N PHE A 104 -5.19 -4.82 4.63
CA PHE A 104 -4.61 -6.17 4.69
C PHE A 104 -5.73 -7.15 4.92
N ALA A 105 -5.59 -8.37 4.41
CA ALA A 105 -6.64 -9.36 4.54
C ALA A 105 -6.28 -10.30 5.68
N GLY A 106 -6.63 -9.89 6.89
CA GLY A 106 -6.39 -10.72 8.07
C GLY A 106 -5.03 -10.50 8.69
N GLN A 107 -4.80 -11.15 9.82
N GLN A 107 -4.80 -11.19 9.81
CA GLN A 107 -3.61 -10.94 10.65
CA GLN A 107 -3.65 -10.98 10.66
C GLN A 107 -2.88 -12.27 10.91
C GLN A 107 -2.77 -12.21 10.77
N LYS A 108 -3.18 -13.30 10.13
CA LYS A 108 -2.40 -14.55 10.18
C LYS A 108 -2.41 -15.15 8.79
N GLY A 109 -1.44 -16.04 8.56
CA GLY A 109 -1.24 -16.71 7.27
C GLY A 109 -2.45 -17.52 6.80
N SER A 110 -2.61 -17.65 5.49
CA SER A 110 -3.75 -18.41 4.93
C SER A 110 -3.83 -19.83 5.46
N ALA A 111 -2.69 -20.48 5.65
CA ALA A 111 -2.66 -21.87 6.10
C ALA A 111 -3.22 -22.01 7.51
N ASP A 112 -3.31 -20.91 8.25
CA ASP A 112 -3.77 -20.95 9.63
C ASP A 112 -5.24 -20.62 9.81
N PHE A 113 -5.96 -20.35 8.71
CA PHE A 113 -7.41 -20.16 8.77
C PHE A 113 -8.09 -21.50 8.64
N SER A 114 -9.13 -21.75 9.43
CA SER A 114 -10.08 -22.84 9.14
C SER A 114 -10.96 -22.39 7.97
N GLN A 115 -11.61 -23.32 7.26
N GLN A 115 -11.67 -23.31 7.32
CA GLN A 115 -12.47 -22.93 6.13
CA GLN A 115 -12.61 -22.95 6.23
C GLN A 115 -13.59 -22.00 6.58
C GLN A 115 -13.63 -21.89 6.66
N GLN A 116 -13.99 -22.15 7.85
N GLN A 116 -14.43 -22.23 7.66
CA GLN A 116 -15.04 -21.30 8.43
CA GLN A 116 -15.55 -21.40 8.08
C GLN A 116 -14.58 -19.88 8.73
C GLN A 116 -15.04 -20.00 8.38
N GLU A 117 -13.38 -19.72 9.29
N GLU A 117 -13.84 -19.92 8.97
CA GLU A 117 -12.83 -18.38 9.51
CA GLU A 117 -13.20 -18.66 9.36
C GLU A 117 -12.63 -17.68 8.18
C GLU A 117 -12.80 -17.80 8.17
N ARG A 118 -12.15 -18.43 7.20
CA ARG A 118 -11.86 -17.81 5.91
C ARG A 118 -13.15 -17.33 5.25
N GLN A 119 -14.23 -18.12 5.40
N GLN A 119 -14.20 -18.16 5.23
CA GLN A 119 -15.58 -17.73 4.97
CA GLN A 119 -15.39 -17.78 4.47
C GLN A 119 -16.07 -16.42 5.62
C GLN A 119 -16.05 -16.57 5.10
N GLU A 120 -16.02 -16.33 6.95
N GLU A 120 -16.10 -16.55 6.44
CA GLU A 120 -16.42 -15.09 7.62
CA GLU A 120 -16.51 -15.37 7.20
C GLU A 120 -15.62 -13.85 7.13
C GLU A 120 -15.71 -14.13 6.75
N TYR A 121 -14.33 -14.02 6.85
N TYR A 121 -14.40 -14.27 6.72
CA TYR A 121 -13.52 -12.89 6.40
CA TYR A 121 -13.55 -13.14 6.41
C TYR A 121 -13.87 -12.52 4.95
C TYR A 121 -13.87 -12.58 5.01
N VAL A 122 -14.13 -13.51 4.09
CA VAL A 122 -14.59 -13.22 2.72
C VAL A 122 -15.87 -12.37 2.75
N ASN A 123 -16.84 -12.76 3.57
CA ASN A 123 -18.08 -12.00 3.73
C ASN A 123 -17.85 -10.55 4.19
N ARG A 124 -16.90 -10.35 5.11
CA ARG A 124 -16.59 -9.00 5.60
C ARG A 124 -15.86 -8.12 4.60
N ILE A 125 -14.90 -8.70 3.87
CA ILE A 125 -14.25 -7.96 2.78
C ILE A 125 -15.31 -7.54 1.75
N ARG A 126 -16.28 -8.42 1.48
CA ARG A 126 -17.33 -8.12 0.50
C ARG A 126 -18.14 -6.91 0.97
N ILE A 128 -17.18 -4.52 3.06
CA ILE A 128 -16.36 -3.31 2.95
C ILE A 128 -16.27 -2.83 1.50
N CYS A 129 -16.15 -3.75 0.54
CA CYS A 129 -16.22 -3.40 -0.87
C CYS A 129 -17.52 -2.72 -1.24
N GLU A 130 -18.64 -3.22 -0.73
N GLU A 130 -18.64 -3.23 -0.71
CA GLU A 130 -19.94 -2.62 -1.05
CA GLU A 130 -19.97 -2.68 -0.96
C GLU A 130 -20.11 -1.22 -0.44
C GLU A 130 -20.10 -1.25 -0.43
N LEU A 131 -19.55 -1.01 0.74
CA LEU A 131 -19.51 0.34 1.33
C LEU A 131 -18.71 1.32 0.43
N PHE A 132 -17.47 0.98 0.12
CA PHE A 132 -16.63 1.83 -0.71
C PHE A 132 -17.14 1.99 -2.14
N ALA A 133 -17.79 0.95 -2.69
CA ALA A 133 -18.38 1.07 -4.03
C ALA A 133 -19.42 2.21 -4.14
N GLN A 134 -20.08 2.55 -3.03
N GLN A 134 -20.05 2.55 -3.01
CA GLN A 134 -21.03 3.67 -3.03
CA GLN A 134 -21.03 3.63 -2.97
C GLN A 134 -20.29 4.97 -3.35
C GLN A 134 -20.37 5.01 -3.11
N HIS A 135 -19.06 5.07 -2.85
CA HIS A 135 -18.25 6.26 -3.03
C HIS A 135 -17.38 6.19 -4.28
N ASN A 136 -17.65 5.20 -5.13
N ASN A 136 -17.62 5.22 -5.16
CA ASN A 136 -16.79 4.86 -6.27
CA ASN A 136 -16.79 5.02 -6.36
C ASN A 136 -15.31 4.76 -5.90
C ASN A 136 -15.33 4.67 -6.04
N TYR A 138 -12.05 2.01 -4.54
CA TYR A 138 -11.58 0.63 -4.60
C TYR A 138 -10.84 0.28 -3.32
N VAL A 139 -11.07 -0.97 -2.90
CA VAL A 139 -10.35 -1.56 -1.77
C VAL A 139 -9.21 -2.41 -2.33
N LEU A 140 -7.97 -2.02 -2.03
CA LEU A 140 -6.81 -2.78 -2.48
C LEU A 140 -6.24 -3.61 -1.35
N LEU A 141 -6.24 -4.93 -1.52
CA LEU A 141 -5.56 -5.77 -0.56
C LEU A 141 -4.10 -5.84 -0.95
N GLU A 142 -3.24 -5.68 0.04
CA GLU A 142 -1.80 -5.75 -0.20
C GLU A 142 -1.33 -7.22 -0.07
N THR A 143 -0.49 -7.69 -0.98
CA THR A 143 0.08 -9.03 -0.87
C THR A 143 1.16 -9.01 0.25
N HIS A 144 0.91 -9.81 1.29
CA HIS A 144 1.68 -9.79 2.54
C HIS A 144 1.77 -11.15 3.22
N PRO A 145 2.96 -11.50 3.77
CA PRO A 145 3.08 -12.70 4.60
C PRO A 145 2.18 -12.56 5.84
N ASN A 146 1.77 -13.68 6.41
CA ASN A 146 0.93 -13.66 7.62
C ASN A 146 -0.43 -12.98 7.41
N THR A 147 -0.94 -13.08 6.18
CA THR A 147 -2.30 -12.64 5.84
C THR A 147 -2.89 -13.67 4.86
N LEU A 148 -4.14 -13.46 4.46
CA LEU A 148 -4.75 -14.35 3.43
C LEU A 148 -4.10 -14.22 2.06
N THR A 149 -3.38 -13.12 1.85
CA THR A 149 -2.69 -12.91 0.56
C THR A 149 -1.20 -13.28 0.63
N ASP A 150 -0.87 -14.25 1.48
CA ASP A 150 0.52 -14.62 1.64
C ASP A 150 1.02 -15.58 0.56
N THR A 151 0.16 -16.09 -0.31
CA THR A 151 0.64 -16.85 -1.45
C THR A 151 -0.13 -16.40 -2.68
N LEU A 152 0.46 -16.57 -3.86
CA LEU A 152 -0.26 -16.28 -5.11
C LEU A 152 -1.57 -17.09 -5.27
N PRO A 153 -1.52 -18.43 -5.13
CA PRO A 153 -2.82 -19.15 -5.26
C PRO A 153 -3.91 -18.71 -4.21
N SER A 154 -3.51 -18.40 -2.97
CA SER A 154 -4.50 -17.97 -1.99
C SER A 154 -5.08 -16.62 -2.37
N THR A 155 -4.25 -15.74 -2.89
CA THR A 155 -4.71 -14.42 -3.31
C THR A 155 -5.71 -14.56 -4.46
N LEU A 156 -5.36 -15.35 -5.47
CA LEU A 156 -6.27 -15.57 -6.58
C LEU A 156 -7.59 -16.18 -6.11
N GLU A 157 -7.48 -17.17 -5.23
CA GLU A 157 -8.66 -17.79 -4.64
C GLU A 157 -9.55 -16.75 -3.90
N LEU A 158 -8.93 -15.94 -3.04
CA LEU A 158 -9.65 -14.89 -2.29
C LEU A 158 -10.45 -13.96 -3.21
N LEU A 159 -9.82 -13.54 -4.31
CA LEU A 159 -10.43 -12.62 -5.28
C LEU A 159 -11.67 -13.27 -5.92
N GLY A 160 -11.55 -14.56 -6.21
CA GLY A 160 -12.68 -15.32 -6.75
C GLY A 160 -13.73 -15.56 -5.67
N GLU A 161 -13.35 -15.69 -4.40
CA GLU A 161 -14.34 -15.96 -3.35
C GLU A 161 -15.17 -14.71 -3.03
N VAL A 162 -14.51 -13.55 -2.97
CA VAL A 162 -15.24 -12.30 -2.68
C VAL A 162 -16.10 -11.91 -3.90
N ASP A 163 -15.49 -11.98 -5.09
CA ASP A 163 -16.19 -11.77 -6.35
C ASP A 163 -16.94 -10.43 -6.34
N HIS A 164 -16.23 -9.35 -6.06
CA HIS A 164 -16.84 -8.02 -6.06
C HIS A 164 -15.99 -7.11 -6.98
N PRO A 165 -16.63 -6.26 -7.82
CA PRO A 165 -15.89 -5.40 -8.76
C PRO A 165 -15.01 -4.32 -8.12
N ASN A 166 -15.17 -4.02 -6.83
CA ASN A 166 -14.32 -2.98 -6.22
C ASN A 166 -13.15 -3.52 -5.42
N LEU A 167 -12.98 -4.84 -5.39
CA LEU A 167 -11.84 -5.44 -4.68
C LEU A 167 -10.68 -5.51 -5.66
N LYS A 168 -9.57 -4.89 -5.29
CA LYS A 168 -8.42 -4.83 -6.18
C LYS A 168 -7.19 -5.23 -5.39
N ILE A 169 -6.01 -5.17 -6.00
CA ILE A 169 -4.74 -5.61 -5.38
C ILE A 169 -3.68 -4.47 -5.42
N ASN A 170 -2.99 -4.32 -4.29
CA ASN A 170 -1.73 -3.60 -4.24
C ASN A 170 -0.62 -4.66 -4.27
N LEU A 171 0.10 -4.74 -5.40
CA LEU A 171 1.08 -5.84 -5.60
C LEU A 171 2.43 -5.43 -5.00
N ASP A 172 2.83 -6.10 -3.92
CA ASP A 172 4.10 -5.78 -3.22
C ASP A 172 5.06 -6.91 -3.65
N PHE A 173 5.91 -6.62 -4.62
CA PHE A 173 6.76 -7.63 -5.25
C PHE A 173 7.73 -8.34 -4.31
N LEU A 174 8.34 -7.61 -3.39
CA LEU A 174 9.16 -8.24 -2.37
C LEU A 174 8.41 -9.38 -1.66
N HIS A 175 7.20 -9.11 -1.17
CA HIS A 175 6.47 -10.11 -0.45
C HIS A 175 6.01 -11.26 -1.32
N ILE A 176 5.75 -10.95 -2.59
CA ILE A 176 5.38 -11.97 -3.54
C ILE A 176 6.58 -12.93 -3.74
N TRP A 177 7.76 -12.35 -3.93
CA TRP A 177 9.00 -13.11 -4.07
C TRP A 177 9.28 -13.99 -2.82
N GLU A 178 9.09 -13.40 -1.65
CA GLU A 178 9.22 -14.07 -0.37
C GLU A 178 8.35 -15.31 -0.32
N SER A 179 7.15 -15.27 -0.90
CA SER A 179 6.24 -16.42 -0.86
C SER A 179 6.74 -17.54 -1.76
N GLY A 180 7.75 -17.31 -2.59
CA GLY A 180 8.26 -18.34 -3.47
C GLY A 180 7.74 -18.21 -4.89
N ALA A 181 6.82 -17.26 -5.15
CA ALA A 181 6.29 -17.04 -6.52
C ALA A 181 7.24 -16.18 -7.37
N ASP A 182 7.20 -16.35 -8.69
CA ASP A 182 7.97 -15.46 -9.59
C ASP A 182 7.27 -14.09 -9.73
N PRO A 183 8.02 -12.98 -9.55
CA PRO A 183 7.36 -11.64 -9.62
C PRO A 183 6.63 -11.32 -10.92
N VAL A 184 7.25 -11.58 -12.07
CA VAL A 184 6.63 -11.29 -13.37
C VAL A 184 5.41 -12.21 -13.57
N ASP A 185 5.58 -13.51 -13.31
CA ASP A 185 4.44 -14.42 -13.34
C ASP A 185 3.23 -14.00 -12.43
N SER A 186 3.53 -13.53 -11.21
N SER A 186 3.53 -13.53 -11.21
CA SER A 186 2.50 -13.04 -10.30
CA SER A 186 2.49 -13.05 -10.30
C SER A 186 1.82 -11.78 -10.84
C SER A 186 1.82 -11.78 -10.84
N PHE A 187 2.61 -10.89 -11.45
CA PHE A 187 2.04 -9.73 -12.10
C PHE A 187 1.06 -10.18 -13.20
N GLN A 188 1.46 -11.17 -14.00
CA GLN A 188 0.67 -11.54 -15.17
C GLN A 188 -0.63 -12.18 -14.70
N GLN A 189 -0.56 -12.95 -13.62
CA GLN A 189 -1.74 -13.64 -13.12
C GLN A 189 -2.66 -12.71 -12.38
N LEU A 190 -2.10 -11.72 -11.69
CA LEU A 190 -2.91 -10.78 -10.90
C LEU A 190 -3.34 -9.51 -11.66
N ARG A 191 -2.81 -9.34 -12.87
CA ARG A 191 -3.08 -8.15 -13.68
C ARG A 191 -4.53 -7.59 -13.69
N PRO A 192 -5.55 -8.45 -13.88
CA PRO A 192 -6.91 -7.92 -13.92
C PRO A 192 -7.35 -7.17 -12.66
N TRP A 193 -6.72 -7.43 -11.52
CA TRP A 193 -7.08 -6.79 -10.24
C TRP A 193 -6.10 -5.72 -9.75
N ILE A 194 -4.96 -5.57 -10.39
CA ILE A 194 -3.92 -4.69 -9.83
C ILE A 194 -4.28 -3.21 -10.03
N GLN A 195 -4.12 -2.38 -9.00
N GLN A 195 -4.16 -2.40 -8.97
CA GLN A 195 -4.30 -0.92 -9.18
CA GLN A 195 -4.34 -0.95 -9.12
C GLN A 195 -3.10 -0.11 -8.69
C GLN A 195 -3.26 -0.14 -8.43
N HIS A 196 -2.15 -0.79 -8.04
CA HIS A 196 -1.01 -0.10 -7.40
C HIS A 196 0.11 -1.10 -7.14
N TYR A 197 1.34 -0.61 -7.08
CA TYR A 197 2.48 -1.48 -6.66
C TYR A 197 3.22 -0.89 -5.46
N HIS A 198 3.91 -1.75 -4.74
CA HIS A 198 4.97 -1.39 -3.78
C HIS A 198 6.25 -1.99 -4.28
N PHE A 199 7.31 -1.20 -4.30
CA PHE A 199 8.63 -1.65 -4.71
C PHE A 199 9.57 -1.51 -3.50
N LYS A 200 10.11 -2.62 -2.99
CA LYS A 200 11.21 -2.52 -2.02
C LYS A 200 12.07 -3.77 -2.22
N ASN A 201 13.26 -3.80 -1.64
CA ASN A 201 14.16 -4.93 -1.88
C ASN A 201 14.91 -5.28 -0.61
N ILE A 202 15.58 -6.43 -0.61
CA ILE A 202 16.30 -6.87 0.58
C ILE A 202 17.61 -7.45 0.08
N SER A 203 18.68 -7.40 0.87
CA SER A 203 19.97 -7.93 0.34
C SER A 203 19.98 -9.45 0.27
N SER A 204 19.18 -10.11 1.10
CA SER A 204 19.20 -11.58 1.19
C SER A 204 17.94 -12.02 1.90
N ALA A 205 17.45 -13.22 1.57
CA ALA A 205 16.33 -13.86 2.29
C ALA A 205 16.56 -13.96 3.81
N ASP A 206 17.81 -14.05 4.24
CA ASP A 206 18.16 -14.09 5.67
C ASP A 206 17.58 -12.90 6.46
N TYR A 207 17.33 -11.78 5.79
CA TYR A 207 16.91 -10.57 6.47
C TYR A 207 15.43 -10.25 6.29
N LEU A 208 14.66 -11.18 5.72
CA LEU A 208 13.23 -10.89 5.45
C LEU A 208 12.40 -10.50 6.67
N HIS A 209 12.78 -10.98 7.86
CA HIS A 209 12.06 -10.70 9.08
C HIS A 209 12.13 -9.19 9.45
N VAL A 210 13.03 -8.40 8.84
CA VAL A 210 13.05 -6.95 9.16
C VAL A 210 11.79 -6.24 8.67
N PHE A 211 11.07 -6.87 7.73
CA PHE A 211 9.79 -6.36 7.30
C PHE A 211 8.59 -6.74 8.16
N GLU A 212 8.79 -7.49 9.22
CA GLU A 212 7.66 -7.75 10.08
C GLU A 212 7.15 -6.40 10.63
N PRO A 213 5.82 -6.20 10.62
CA PRO A 213 5.21 -4.91 10.97
C PRO A 213 5.72 -4.37 12.32
N ASN A 214 5.80 -5.22 13.34
CA ASN A 214 6.26 -4.72 14.62
C ASN A 214 7.67 -4.14 14.57
N ASN A 215 8.53 -4.74 13.74
CA ASN A 215 9.89 -4.28 13.59
C ASN A 215 9.93 -2.96 12.78
N VAL A 216 9.11 -2.92 11.73
CA VAL A 216 8.97 -1.72 10.90
C VAL A 216 8.47 -0.52 11.71
N TYR A 217 7.46 -0.73 12.59
CA TYR A 217 6.86 0.41 13.31
C TYR A 217 7.70 0.93 14.48
N ALA A 218 8.55 0.06 15.06
CA ALA A 218 9.46 0.42 16.17
C ALA A 218 10.60 1.33 15.70
N ALA A 219 10.82 2.44 16.41
CA ALA A 219 11.91 3.40 16.08
C ALA A 219 13.28 2.72 16.12
N ALA A 220 13.48 1.81 17.07
CA ALA A 220 14.78 1.18 17.19
C ALA A 220 14.81 -0.11 16.40
N GLY A 221 13.82 -0.35 15.54
CA GLY A 221 13.74 -1.59 14.79
C GLY A 221 14.94 -1.81 13.85
N ASN A 222 15.28 -3.07 13.63
CA ASN A 222 16.39 -3.47 12.77
C ASN A 222 16.14 -3.09 11.28
N ARG A 223 17.13 -2.46 10.64
CA ARG A 223 17.01 -2.13 9.20
C ARG A 223 18.02 -2.90 8.34
N THR A 224 18.81 -3.77 8.96
CA THR A 224 19.82 -4.56 8.25
C THR A 224 19.21 -5.30 7.06
N GLY A 225 19.87 -5.22 5.91
CA GLY A 225 19.41 -5.95 4.73
C GLY A 225 18.48 -5.14 3.83
N VAL A 227 17.71 -2.52 1.21
CA VAL A 227 18.63 -1.95 0.20
C VAL A 227 17.89 -1.31 -0.96
N PRO A 228 18.55 -0.38 -1.69
CA PRO A 228 17.88 0.19 -2.89
C PRO A 228 17.46 -0.90 -3.87
N LEU A 229 16.51 -0.56 -4.75
CA LEU A 229 15.91 -1.54 -5.66
C LEU A 229 16.90 -2.36 -6.50
N PHE A 230 17.92 -1.70 -7.04
CA PHE A 230 18.85 -2.40 -7.94
C PHE A 230 20.02 -3.05 -7.21
N GLU A 231 20.00 -2.99 -5.88
N GLU A 231 20.04 -2.96 -5.88
CA GLU A 231 21.08 -3.49 -5.05
CA GLU A 231 21.13 -3.56 -5.08
C GLU A 231 20.64 -4.71 -4.22
C GLU A 231 20.72 -4.93 -4.52
N GLY A 232 19.42 -5.19 -4.42
CA GLY A 232 18.93 -6.37 -3.70
C GLY A 232 18.70 -7.62 -4.53
N ILE A 233 18.14 -8.64 -3.90
CA ILE A 233 18.00 -9.97 -4.51
C ILE A 233 16.82 -10.05 -5.50
N VAL A 234 15.73 -9.33 -5.26
CA VAL A 234 14.64 -9.25 -6.22
C VAL A 234 15.09 -8.47 -7.46
N ASN A 235 14.73 -8.97 -8.64
CA ASN A 235 15.17 -8.41 -9.92
C ASN A 235 14.15 -7.36 -10.40
N TYR A 236 14.43 -6.10 -10.04
CA TYR A 236 13.58 -4.97 -10.43
C TYR A 236 13.71 -4.60 -11.93
N ASP A 237 14.81 -4.96 -12.59
CA ASP A 237 14.93 -4.76 -14.05
C ASP A 237 13.82 -5.50 -14.78
N GLU A 238 13.64 -6.76 -14.44
CA GLU A 238 12.58 -7.58 -15.03
C GLU A 238 11.18 -7.10 -14.66
N ILE A 239 10.97 -6.76 -13.38
CA ILE A 239 9.69 -6.22 -12.92
C ILE A 239 9.33 -4.93 -13.66
N ILE A 240 10.22 -3.94 -13.65
CA ILE A 240 9.88 -2.66 -14.25
C ILE A 240 9.63 -2.79 -15.76
N GLN A 241 10.37 -3.69 -16.44
CA GLN A 241 10.14 -3.93 -17.89
C GLN A 241 8.72 -4.39 -18.17
N GLU A 242 8.16 -5.21 -17.28
CA GLU A 242 6.75 -5.66 -17.35
C GLU A 242 5.73 -4.61 -16.99
N VAL A 243 5.96 -3.88 -15.89
CA VAL A 243 4.92 -3.01 -15.39
C VAL A 243 4.99 -1.57 -15.92
N ARG A 244 6.07 -1.23 -16.61
CA ARG A 244 6.27 0.16 -17.03
C ARG A 244 5.26 0.74 -17.97
N ASP A 245 4.49 -0.10 -18.67
N ASP A 245 4.49 -0.11 -18.66
CA ASP A 245 3.43 0.39 -19.55
CA ASP A 245 3.47 0.37 -19.57
C ASP A 245 2.04 -0.04 -19.03
C ASP A 245 2.11 0.56 -18.89
N THR A 246 1.90 -0.07 -17.71
CA THR A 246 0.59 -0.08 -17.05
C THR A 246 0.46 1.33 -16.52
N ASP A 247 -0.75 1.68 -16.11
N ASP A 247 -0.75 1.72 -16.14
CA ASP A 247 -1.02 3.03 -15.70
CA ASP A 247 -0.96 3.09 -15.69
C ASP A 247 -0.90 3.25 -14.17
C ASP A 247 -1.03 3.21 -14.16
N HIS A 248 -0.52 2.21 -13.44
CA HIS A 248 -0.57 2.24 -11.96
C HIS A 248 0.68 2.82 -11.35
N PHE A 249 0.51 3.47 -10.21
CA PHE A 249 1.65 4.02 -9.51
C PHE A 249 2.44 2.90 -8.85
N ALA A 250 3.76 3.06 -8.81
CA ALA A 250 4.59 2.20 -7.99
C ALA A 250 5.18 3.05 -6.90
N SER A 251 4.89 2.70 -5.63
CA SER A 251 5.50 3.42 -4.52
C SER A 251 6.89 2.85 -4.17
N LEU A 252 7.84 3.72 -3.87
CA LEU A 252 9.13 3.31 -3.37
C LEU A 252 8.98 3.16 -1.86
N GLU A 253 8.62 1.96 -1.42
CA GLU A 253 8.27 1.72 -0.03
C GLU A 253 9.51 1.52 0.81
N TRP A 254 10.16 2.62 1.17
CA TRP A 254 11.39 2.54 1.97
C TRP A 254 11.10 2.62 3.45
N PHE A 255 11.56 1.62 4.20
CA PHE A 255 11.35 1.58 5.64
C PHE A 255 12.66 1.84 6.40
N GLY A 256 13.77 2.11 5.68
CA GLY A 256 15.09 2.24 6.31
C GLY A 256 15.41 3.67 6.76
N HIS A 257 16.67 3.87 7.13
CA HIS A 257 17.15 5.18 7.62
C HIS A 257 17.38 6.12 6.46
N ASN A 258 17.49 7.44 6.73
N ASN A 258 17.50 7.43 6.76
CA ASN A 258 17.90 8.42 5.71
CA ASN A 258 17.84 8.46 5.77
C ASN A 258 16.94 8.42 4.50
C ASN A 258 16.95 8.39 4.52
N ALA A 259 15.65 8.42 4.74
CA ALA A 259 14.67 8.27 3.66
C ALA A 259 14.89 9.25 2.49
N LYS A 260 15.13 10.51 2.81
CA LYS A 260 15.32 11.50 1.75
C LYS A 260 16.52 11.22 0.84
N ASP A 261 17.65 10.85 1.44
CA ASP A 261 18.83 10.48 0.65
C ASP A 261 18.57 9.28 -0.23
N ILE A 262 17.98 8.24 0.35
CA ILE A 262 17.72 6.99 -0.38
C ILE A 262 16.75 7.25 -1.54
N LEU A 263 15.67 7.98 -1.25
CA LEU A 263 14.61 8.25 -2.24
C LEU A 263 15.12 9.12 -3.39
N LYS A 264 15.87 10.16 -3.03
CA LYS A 264 16.45 11.03 -4.02
C LYS A 264 17.40 10.20 -4.96
N ALA A 265 18.28 9.39 -4.37
CA ALA A 265 19.18 8.57 -5.18
C ALA A 265 18.42 7.58 -6.08
N GLU A 266 17.36 6.96 -5.53
N GLU A 266 17.36 6.97 -5.54
CA GLU A 266 16.54 6.01 -6.28
CA GLU A 266 16.55 6.01 -6.27
C GLU A 266 15.95 6.62 -7.55
C GLU A 266 15.95 6.62 -7.55
N LYS A 268 16.96 9.14 -9.33
CA LYS A 268 17.95 9.42 -10.36
C LYS A 268 18.25 8.15 -11.13
N VAL A 269 18.40 7.03 -10.43
CA VAL A 269 18.68 5.78 -11.15
C VAL A 269 17.46 5.31 -11.94
N LEU A 270 16.26 5.37 -11.35
CA LEU A 270 15.04 4.91 -12.04
C LEU A 270 14.79 5.62 -13.37
N THR A 271 14.99 6.94 -13.40
CA THR A 271 14.83 7.73 -14.62
C THR A 271 15.85 7.44 -15.71
N ASN A 272 17.02 6.90 -15.34
CA ASN A 272 18.13 6.76 -16.25
C ASN A 272 18.61 5.36 -16.55
N ARG A 273 18.05 4.36 -15.89
CA ARG A 273 18.50 2.97 -16.09
C ARG A 273 18.09 2.39 -17.45
N ASN A 274 18.88 1.43 -17.97
CA ASN A 274 18.53 0.68 -19.22
C ASN A 274 18.32 -0.81 -18.94
#